data_4LIR
#
_entry.id   4LIR
#
_cell.length_a   70.590
_cell.length_b   70.590
_cell.length_c   160.190
_cell.angle_alpha   90.000
_cell.angle_beta   90.000
_cell.angle_gamma   120.000
#
_symmetry.space_group_name_H-M   'P 65 2 2'
#
loop_
_entity.id
_entity.type
_entity.pdbx_description
1 polymer 'Nucleoporin NUP53'
2 water water
#
_entity_poly.entity_id   1
_entity_poly.type   'polypeptide(L)'
_entity_poly.pdbx_seq_one_letter_code
;GSPAQLDPFYTQGDSLTSEDHLDDSWVTVFGFPQASASYILLQFAQYGNILKHV(MSE)SNTGNW(MSE)HIRYQSKLQA
RKALSKDGRIFGESI(MSE)IGVKPCIDKSV(MSE)ESSDRCALSSPSLAFTP
;
_entity_poly.pdbx_strand_id   A,B
#
# COMPACT_ATOMS: atom_id res chain seq x y z
N LEU A 22 -21.39 3.86 10.89
CA LEU A 22 -20.34 4.73 11.40
C LEU A 22 -18.93 4.16 11.14
N ASP A 23 -18.83 2.95 10.55
CA ASP A 23 -17.56 2.29 10.20
C ASP A 23 -16.93 2.97 8.99
N ASP A 24 -17.74 3.73 8.22
CA ASP A 24 -17.32 4.45 7.02
C ASP A 24 -16.40 5.65 7.32
N SER A 25 -16.32 6.10 8.61
CA SER A 25 -15.40 7.18 9.00
C SER A 25 -14.00 6.62 9.38
N TRP A 26 -13.87 5.27 9.44
CA TRP A 26 -12.64 4.57 9.79
C TRP A 26 -11.87 4.12 8.54
N VAL A 27 -10.54 4.30 8.59
CA VAL A 27 -9.62 3.88 7.53
C VAL A 27 -8.42 3.17 8.16
N THR A 28 -7.73 2.36 7.36
CA THR A 28 -6.50 1.70 7.76
C THR A 28 -5.41 2.24 6.84
N VAL A 29 -4.40 2.87 7.44
CA VAL A 29 -3.24 3.47 6.77
C VAL A 29 -2.09 2.50 6.96
N PHE A 30 -1.38 2.15 5.89
CA PHE A 30 -0.33 1.14 6.02
C PHE A 30 0.84 1.37 5.07
N GLY A 31 1.92 0.60 5.29
CA GLY A 31 3.12 0.63 4.48
C GLY A 31 4.22 1.53 5.00
N PHE A 32 4.16 1.91 6.25
CA PHE A 32 5.19 2.76 6.81
C PHE A 32 6.02 2.05 7.86
N PRO A 33 7.34 2.36 7.96
CA PRO A 33 8.14 1.81 9.08
C PRO A 33 7.73 2.47 10.42
N GLN A 34 7.95 1.79 11.56
CA GLN A 34 7.58 2.29 12.92
C GLN A 34 8.15 3.68 13.21
N ALA A 35 9.40 3.97 12.80
CA ALA A 35 10.08 5.27 13.02
C ALA A 35 9.34 6.43 12.34
N SER A 36 8.51 6.12 11.33
CA SER A 36 7.74 7.09 10.54
C SER A 36 6.27 7.23 10.98
N ALA A 37 5.85 6.48 12.01
CA ALA A 37 4.46 6.44 12.49
C ALA A 37 3.89 7.82 12.85
N SER A 38 4.64 8.65 13.59
CA SER A 38 4.12 9.95 14.02
C SER A 38 4.11 10.94 12.85
N TYR A 39 5.05 10.81 11.87
CA TYR A 39 5.06 11.61 10.64
C TYR A 39 3.81 11.29 9.81
N ILE A 40 3.50 9.98 9.59
CA ILE A 40 2.35 9.54 8.82
C ILE A 40 1.03 9.98 9.51
N LEU A 41 0.92 9.84 10.85
CA LEU A 41 -0.27 10.26 11.58
C LEU A 41 -0.52 11.77 11.43
N LEU A 42 0.53 12.60 11.53
CA LEU A 42 0.44 14.06 11.41
C LEU A 42 0.07 14.47 9.97
N GLN A 43 0.56 13.72 9.01
CA GLN A 43 0.26 13.88 7.59
C GLN A 43 -1.23 13.55 7.32
N PHE A 44 -1.76 12.51 7.98
CA PHE A 44 -3.17 12.14 7.80
C PHE A 44 -4.10 13.03 8.62
N ALA A 45 -3.57 13.82 9.60
CA ALA A 45 -4.36 14.81 10.36
C ALA A 45 -4.70 16.04 9.49
N GLN A 46 -4.08 16.17 8.31
CA GLN A 46 -4.35 17.28 7.40
C GLN A 46 -5.59 17.04 6.55
N TYR A 47 -6.11 15.80 6.53
CA TYR A 47 -7.28 15.45 5.70
C TYR A 47 -8.58 15.51 6.50
N GLY A 48 -8.46 15.75 7.80
CA GLY A 48 -9.60 15.87 8.69
C GLY A 48 -9.27 15.72 10.15
N ASN A 49 -10.28 15.83 11.00
CA ASN A 49 -10.11 15.70 12.43
C ASN A 49 -10.12 14.26 12.84
N ILE A 50 -9.04 13.84 13.49
CA ILE A 50 -8.88 12.47 13.93
C ILE A 50 -9.47 12.35 15.33
N LEU A 51 -10.55 11.54 15.46
CA LEU A 51 -11.25 11.28 16.71
C LEU A 51 -10.52 10.21 17.53
N LYS A 52 -9.94 9.22 16.85
CA LYS A 52 -9.18 8.12 17.44
C LYS A 52 -8.24 7.51 16.43
N HIS A 53 -7.08 7.06 16.90
CA HIS A 53 -6.12 6.35 16.06
C HIS A 53 -5.57 5.18 16.87
N VAL A 54 -5.44 4.01 16.23
CA VAL A 54 -4.93 2.83 16.91
C VAL A 54 -3.72 2.31 16.14
N SER A 56 -0.81 -0.48 15.46
CA SER A 56 -0.62 -1.93 15.48
C SER A 56 0.59 -2.22 16.37
N ASN A 57 0.49 -3.22 17.24
CA ASN A 57 1.59 -3.60 18.14
C ASN A 57 2.80 -4.14 17.35
N THR A 58 2.53 -4.95 16.31
CA THR A 58 3.59 -5.58 15.51
C THR A 58 3.72 -5.05 14.08
N GLY A 59 2.58 -4.76 13.44
CA GLY A 59 2.56 -4.41 12.03
C GLY A 59 2.82 -2.99 11.59
N ASN A 60 2.97 -2.83 10.27
CA ASN A 60 3.20 -1.55 9.64
C ASN A 60 1.87 -0.83 9.27
N TRP A 61 0.88 -0.82 10.18
CA TRP A 61 -0.39 -0.14 9.90
C TRP A 61 -0.98 0.51 11.12
N HIS A 63 -5.03 2.37 12.44
CA HIS A 63 -6.45 2.60 12.20
C HIS A 63 -6.76 4.02 12.60
N ILE A 64 -7.36 4.76 11.69
CA ILE A 64 -7.70 6.15 11.93
C ILE A 64 -9.19 6.33 11.78
N ARG A 65 -9.79 6.98 12.78
CA ARG A 65 -11.20 7.34 12.76
C ARG A 65 -11.33 8.84 12.56
N TYR A 66 -11.98 9.22 11.45
CA TYR A 66 -12.22 10.61 11.14
C TYR A 66 -13.58 11.07 11.68
N GLN A 67 -13.78 12.38 11.71
CA GLN A 67 -14.97 13.07 12.19
C GLN A 67 -16.12 12.85 11.23
N SER A 68 -15.82 12.66 9.92
CA SER A 68 -16.84 12.43 8.89
C SER A 68 -16.38 11.45 7.81
N LYS A 69 -17.34 10.88 7.08
CA LYS A 69 -17.19 9.94 5.97
C LYS A 69 -16.37 10.62 4.83
N LEU A 70 -16.60 11.95 4.64
CA LEU A 70 -15.95 12.80 3.65
C LEU A 70 -14.45 12.92 3.91
N GLN A 71 -14.06 13.11 5.19
CA GLN A 71 -12.66 13.19 5.62
C GLN A 71 -11.95 11.86 5.37
N ALA A 72 -12.65 10.73 5.64
CA ALA A 72 -12.14 9.38 5.40
C ALA A 72 -11.94 9.15 3.91
N ARG A 73 -12.85 9.69 3.06
CA ARG A 73 -12.77 9.60 1.60
C ARG A 73 -11.51 10.33 1.08
N LYS A 74 -11.19 11.50 1.68
CA LYS A 74 -10.00 12.29 1.34
C LYS A 74 -8.76 11.45 1.66
N ALA A 75 -8.73 10.81 2.86
CA ALA A 75 -7.64 9.93 3.25
C ALA A 75 -7.52 8.72 2.30
N LEU A 76 -8.66 8.14 1.88
CA LEU A 76 -8.72 6.98 0.97
C LEU A 76 -8.14 7.31 -0.41
N SER A 77 -8.31 8.56 -0.90
CA SER A 77 -7.79 9.02 -2.19
C SER A 77 -6.25 9.09 -2.21
N LYS A 78 -5.59 8.97 -1.03
CA LYS A 78 -4.14 9.05 -0.89
C LYS A 78 -3.51 7.65 -1.03
N ASP A 79 -4.35 6.61 -1.23
CA ASP A 79 -3.86 5.26 -1.42
C ASP A 79 -2.95 5.20 -2.65
N GLY A 80 -1.75 4.64 -2.47
CA GLY A 80 -0.74 4.52 -3.53
C GLY A 80 0.12 5.76 -3.72
N ARG A 81 -0.12 6.84 -2.93
CA ARG A 81 0.65 8.08 -3.04
C ARG A 81 1.96 7.99 -2.26
N ILE A 82 2.98 8.78 -2.69
CA ILE A 82 4.32 8.82 -2.09
C ILE A 82 4.47 10.04 -1.20
N PHE A 83 4.86 9.80 0.07
CA PHE A 83 5.10 10.83 1.08
C PHE A 83 6.59 10.92 1.31
N GLY A 84 7.11 12.14 1.24
CA GLY A 84 8.53 12.49 1.43
C GLY A 84 9.46 11.86 0.41
N GLU A 85 8.93 11.48 -0.78
CA GLU A 85 9.64 10.81 -1.89
C GLU A 85 10.13 9.38 -1.52
N SER A 86 9.83 8.88 -0.30
CA SER A 86 10.33 7.56 0.10
C SER A 86 9.27 6.59 0.62
N ILE A 87 8.11 7.08 1.04
CA ILE A 87 7.11 6.19 1.61
C ILE A 87 5.83 6.18 0.76
N ILE A 89 2.29 4.95 0.57
CA ILE A 89 1.32 4.60 1.60
C ILE A 89 0.05 3.96 1.02
N GLY A 90 -0.43 2.94 1.71
CA GLY A 90 -1.68 2.27 1.41
C GLY A 90 -2.77 2.82 2.31
N VAL A 91 -3.99 2.98 1.75
CA VAL A 91 -5.16 3.45 2.49
C VAL A 91 -6.36 2.64 2.04
N LYS A 92 -6.97 1.93 2.98
CA LYS A 92 -8.13 1.10 2.70
C LYS A 92 -9.22 1.28 3.76
N PRO A 93 -10.50 0.97 3.46
CA PRO A 93 -11.52 1.01 4.51
C PRO A 93 -11.14 0.04 5.64
N CYS A 94 -11.32 0.47 6.89
CA CYS A 94 -11.01 -0.34 8.08
C CYS A 94 -12.02 -1.50 8.16
N ILE A 95 -11.49 -2.73 8.37
CA ILE A 95 -12.28 -3.96 8.44
C ILE A 95 -12.11 -4.62 9.83
N ASP A 96 -11.24 -4.05 10.70
CA ASP A 96 -11.01 -4.57 12.05
C ASP A 96 -12.18 -4.17 12.97
N LYS A 97 -13.16 -5.09 13.08
CA LYS A 97 -14.39 -4.95 13.87
C LYS A 97 -14.11 -4.75 15.37
N SER A 98 -13.03 -5.36 15.89
CA SER A 98 -12.62 -5.27 17.31
C SER A 98 -12.14 -3.85 17.68
N VAL A 99 -11.42 -3.18 16.76
CA VAL A 99 -10.90 -1.81 16.95
C VAL A 99 -12.04 -0.78 16.88
N GLU A 101 -15.50 -1.27 17.07
CA GLU A 101 -16.55 -1.48 18.09
C GLU A 101 -16.06 -1.12 19.50
N ASP B 20 0.57 0.89 -25.52
CA ASP B 20 0.39 1.35 -24.14
C ASP B 20 -0.59 0.43 -23.34
N HIS B 21 -1.17 -0.58 -24.04
CA HIS B 21 -2.09 -1.57 -23.45
C HIS B 21 -1.35 -2.62 -22.59
N LEU B 22 -0.07 -2.91 -22.95
CA LEU B 22 0.82 -3.87 -22.28
C LEU B 22 1.23 -3.40 -20.86
N ASP B 23 0.79 -2.19 -20.44
CA ASP B 23 1.04 -1.61 -19.12
C ASP B 23 0.19 -2.33 -18.06
N ASP B 24 -0.87 -3.02 -18.50
CA ASP B 24 -1.82 -3.75 -17.66
C ASP B 24 -1.18 -5.02 -17.00
N SER B 25 -0.02 -5.48 -17.48
CA SER B 25 0.65 -6.64 -16.88
C SER B 25 1.69 -6.18 -15.80
N TRP B 26 1.84 -4.84 -15.63
CA TRP B 26 2.70 -4.21 -14.63
C TRP B 26 1.94 -3.83 -13.39
N VAL B 27 2.53 -4.08 -12.21
CA VAL B 27 1.99 -3.71 -10.91
C VAL B 27 3.08 -3.07 -10.06
N THR B 28 2.67 -2.30 -9.05
CA THR B 28 3.58 -1.71 -8.08
C THR B 28 3.21 -2.32 -6.74
N VAL B 29 4.18 -2.97 -6.10
CA VAL B 29 4.06 -3.62 -4.79
C VAL B 29 4.78 -2.70 -3.81
N PHE B 30 4.12 -2.37 -2.68
CA PHE B 30 4.71 -1.40 -1.75
C PHE B 30 4.39 -1.65 -0.30
N GLY B 31 5.07 -0.90 0.58
CA GLY B 31 4.87 -0.91 2.02
C GLY B 31 5.75 -1.82 2.84
N PHE B 32 6.84 -2.34 2.27
CA PHE B 32 7.70 -3.28 2.98
C PHE B 32 8.99 -2.63 3.50
N PRO B 33 9.52 -3.06 4.68
CA PRO B 33 10.85 -2.56 5.12
C PRO B 33 11.94 -3.05 4.17
N GLN B 34 13.12 -2.37 4.11
CA GLN B 34 14.17 -2.71 3.13
C GLN B 34 14.63 -4.18 3.24
N ALA B 35 14.76 -4.70 4.47
CA ALA B 35 15.22 -6.06 4.77
C ALA B 35 14.33 -7.16 4.15
N SER B 36 13.05 -6.84 3.93
CA SER B 36 12.05 -7.78 3.45
C SER B 36 11.80 -7.72 1.94
N ALA B 37 12.63 -6.98 1.20
CA ALA B 37 12.42 -6.80 -0.23
C ALA B 37 12.50 -8.14 -1.03
N SER B 38 13.55 -8.97 -0.82
CA SER B 38 13.64 -10.29 -1.48
C SER B 38 12.45 -11.18 -1.13
N TYR B 39 12.05 -11.17 0.16
CA TYR B 39 10.93 -11.98 0.63
C TYR B 39 9.65 -11.62 -0.11
N ILE B 40 9.32 -10.33 -0.21
CA ILE B 40 8.11 -9.85 -0.88
C ILE B 40 8.18 -10.19 -2.40
N LEU B 41 9.34 -9.98 -3.07
CA LEU B 41 9.47 -10.31 -4.49
C LEU B 41 9.22 -11.81 -4.74
N LEU B 42 9.78 -12.69 -3.88
CA LEU B 42 9.65 -14.15 -4.00
C LEU B 42 8.20 -14.60 -3.73
N GLN B 43 7.54 -13.91 -2.84
CA GLN B 43 6.14 -14.11 -2.51
C GLN B 43 5.25 -13.72 -3.72
N PHE B 44 5.60 -12.63 -4.42
CA PHE B 44 4.84 -12.20 -5.59
C PHE B 44 5.16 -13.03 -6.84
N ALA B 45 6.26 -13.82 -6.81
CA ALA B 45 6.61 -14.76 -7.90
C ALA B 45 5.67 -15.97 -7.92
N GLN B 46 4.87 -16.16 -6.86
CA GLN B 46 3.93 -17.27 -6.75
C GLN B 46 2.63 -16.98 -7.49
N TYR B 47 2.38 -15.72 -7.88
CA TYR B 47 1.13 -15.33 -8.56
C TYR B 47 1.28 -15.31 -10.09
N GLY B 48 2.49 -15.56 -10.57
CA GLY B 48 2.79 -15.61 -11.98
C GLY B 48 4.25 -15.49 -12.31
N ASN B 49 4.57 -15.54 -13.60
CA ASN B 49 5.94 -15.42 -14.08
C ASN B 49 6.35 -13.98 -14.17
N ILE B 50 7.40 -13.61 -13.44
CA ILE B 50 7.90 -12.24 -13.42
C ILE B 50 8.93 -12.09 -14.54
N LEU B 51 8.59 -11.24 -15.53
CA LEU B 51 9.44 -10.95 -16.69
C LEU B 51 10.51 -9.91 -16.34
N LYS B 52 10.15 -8.95 -15.47
CA LYS B 52 11.04 -7.87 -15.00
C LYS B 52 10.55 -7.33 -13.69
N HIS B 53 11.48 -6.93 -12.84
CA HIS B 53 11.15 -6.29 -11.57
C HIS B 53 12.12 -5.15 -11.35
N VAL B 54 11.63 -4.01 -10.84
CA VAL B 54 12.47 -2.85 -10.58
C VAL B 54 12.26 -2.48 -9.11
N SER B 56 12.67 -0.01 -6.21
CA SER B 56 12.96 1.41 -6.13
C SER B 56 14.21 1.65 -5.30
N ASN B 57 15.10 2.53 -5.76
CA ASN B 57 16.29 2.83 -4.97
C ASN B 57 16.07 4.16 -4.22
N THR B 58 14.80 4.62 -4.09
CA THR B 58 14.47 5.85 -3.41
C THR B 58 13.31 5.65 -2.42
N GLY B 59 12.65 4.49 -2.43
CA GLY B 59 11.51 4.26 -1.54
C GLY B 59 11.10 2.82 -1.37
N ASN B 60 10.04 2.58 -0.57
CA ASN B 60 9.58 1.24 -0.16
C ASN B 60 8.63 0.57 -1.18
N TRP B 61 9.02 0.55 -2.47
CA TRP B 61 8.20 -0.08 -3.49
C TRP B 61 9.02 -0.72 -4.57
N HIS B 63 8.33 -2.30 -8.83
CA HIS B 63 7.53 -2.46 -10.04
C HIS B 63 7.77 -3.85 -10.58
N ILE B 64 6.71 -4.64 -10.70
CA ILE B 64 6.75 -6.02 -11.18
C ILE B 64 5.97 -6.14 -12.48
N ARG B 65 6.59 -6.75 -13.49
CA ARG B 65 5.97 -7.03 -14.75
C ARG B 65 5.69 -8.51 -14.86
N TYR B 66 4.40 -8.85 -14.97
CA TYR B 66 3.98 -10.24 -15.13
C TYR B 66 3.89 -10.59 -16.62
N GLN B 67 3.80 -11.90 -16.88
CA GLN B 67 3.69 -12.50 -18.19
C GLN B 67 2.32 -12.18 -18.82
N SER B 68 1.31 -11.88 -17.98
CA SER B 68 -0.04 -11.59 -18.44
C SER B 68 -0.79 -10.67 -17.51
N LYS B 69 -1.92 -10.15 -18.01
CA LYS B 69 -2.85 -9.25 -17.33
C LYS B 69 -3.52 -9.98 -16.16
N LEU B 70 -3.81 -11.30 -16.35
CA LEU B 70 -4.44 -12.20 -15.38
C LEU B 70 -3.55 -12.41 -14.15
N GLN B 71 -2.24 -12.62 -14.36
CA GLN B 71 -1.24 -12.79 -13.29
C GLN B 71 -1.14 -11.50 -12.46
N ALA B 72 -1.18 -10.32 -13.15
CA ALA B 72 -1.14 -9.01 -12.51
C ALA B 72 -2.41 -8.80 -11.68
N ARG B 73 -3.57 -9.31 -12.16
CA ARG B 73 -4.86 -9.23 -11.44
C ARG B 73 -4.80 -10.04 -10.13
N LYS B 74 -4.14 -11.22 -10.16
CA LYS B 74 -3.95 -12.07 -8.99
C LYS B 74 -3.11 -11.31 -7.96
N ALA B 75 -2.01 -10.67 -8.41
CA ALA B 75 -1.16 -9.84 -7.55
C ALA B 75 -1.95 -8.65 -6.97
N LEU B 76 -2.80 -8.00 -7.81
CA LEU B 76 -3.62 -6.85 -7.39
C LEU B 76 -4.61 -7.20 -6.28
N SER B 77 -5.14 -8.44 -6.28
CA SER B 77 -6.09 -8.93 -5.27
C SER B 77 -5.43 -9.09 -3.88
N LYS B 78 -4.09 -8.97 -3.82
CA LYS B 78 -3.31 -9.12 -2.58
C LYS B 78 -3.12 -7.78 -1.88
N ASP B 79 -3.68 -6.70 -2.47
CA ASP B 79 -3.61 -5.35 -1.89
C ASP B 79 -4.35 -5.33 -0.54
N GLY B 80 -3.67 -4.83 0.48
CA GLY B 80 -4.16 -4.74 1.85
C GLY B 80 -4.01 -6.04 2.65
N ARG B 81 -3.39 -7.10 2.05
CA ARG B 81 -3.17 -8.36 2.76
C ARG B 81 -1.88 -8.31 3.59
N ILE B 82 -1.82 -9.14 4.66
CA ILE B 82 -0.70 -9.19 5.60
C ILE B 82 0.20 -10.41 5.33
N PHE B 83 1.50 -10.14 5.14
CA PHE B 83 2.53 -11.14 4.88
C PHE B 83 3.42 -11.26 6.12
N GLY B 84 3.63 -12.48 6.59
CA GLY B 84 4.45 -12.78 7.75
C GLY B 84 3.92 -12.22 9.06
N GLU B 85 2.58 -11.94 9.12
CA GLU B 85 1.86 -11.36 10.26
C GLU B 85 2.31 -9.92 10.62
N SER B 86 3.25 -9.33 9.87
CA SER B 86 3.75 -7.99 10.23
C SER B 86 3.79 -7.00 9.05
N ILE B 87 3.71 -7.47 7.80
CA ILE B 87 3.81 -6.57 6.67
C ILE B 87 2.51 -6.57 5.88
N ILE B 89 0.90 -5.26 2.78
CA ILE B 89 1.42 -4.89 1.47
C ILE B 89 0.33 -4.21 0.64
N GLY B 90 0.76 -3.19 -0.07
CA GLY B 90 -0.06 -2.47 -1.03
C GLY B 90 0.26 -2.98 -2.43
N VAL B 91 -0.76 -3.07 -3.28
CA VAL B 91 -0.63 -3.49 -4.68
C VAL B 91 -1.53 -2.62 -5.53
N LYS B 92 -0.92 -1.92 -6.49
CA LYS B 92 -1.67 -1.01 -7.36
C LYS B 92 -1.18 -1.14 -8.81
N PRO B 93 -2.01 -0.76 -9.81
CA PRO B 93 -1.48 -0.75 -11.20
C PRO B 93 -0.28 0.21 -11.29
N CYS B 94 0.77 -0.21 -12.00
CA CYS B 94 1.98 0.60 -12.18
C CYS B 94 1.65 1.81 -13.06
N ILE B 95 2.11 3.00 -12.66
CA ILE B 95 1.84 4.25 -13.37
C ILE B 95 3.15 4.91 -13.87
N ASP B 96 4.31 4.31 -13.54
CA ASP B 96 5.62 4.83 -13.95
C ASP B 96 5.89 4.41 -15.40
N LYS B 97 5.59 5.31 -16.35
CA LYS B 97 5.75 5.02 -17.78
C LYS B 97 7.22 4.95 -18.20
N SER B 98 8.14 5.65 -17.50
CA SER B 98 9.57 5.54 -17.79
C SER B 98 10.09 4.12 -17.54
N VAL B 99 9.58 3.47 -16.48
CA VAL B 99 9.96 2.10 -16.12
C VAL B 99 9.34 1.09 -17.12
N GLU B 101 7.93 1.70 -20.34
CA GLU B 101 8.34 1.94 -21.73
C GLU B 101 9.78 1.52 -21.97
N SER B 102 10.66 1.63 -20.97
CA SER B 102 12.07 1.21 -21.11
C SER B 102 12.17 -0.28 -21.52
N SER B 103 11.20 -1.10 -21.06
CA SER B 103 11.06 -2.54 -21.36
C SER B 103 10.36 -2.76 -22.71
#